data_5FZ3
#
_entry.id   5FZ3
#
_cell.length_a   143.170
_cell.length_b   143.170
_cell.length_c   153.530
_cell.angle_alpha   90.00
_cell.angle_beta   90.00
_cell.angle_gamma   120.00
#
_symmetry.space_group_name_H-M   'P 65 2 2'
#
loop_
_entity.id
_entity.type
_entity.pdbx_description
1 polymer 'LYSINE-SPECIFIC DEMETHYLASE 5B'
2 non-polymer 'ZINC ION'
3 non-polymer 'DIMETHYL SULFOXIDE'
4 non-polymer 'MANGANESE (II) ION'
5 non-polymer (1R,4S)-1,2,3,4-tetrahydro-1,4-methanonaphthalene-5,8-diol
6 non-polymer 1,2-ETHANEDIOL
7 non-polymer 'CHLORIDE ION'
8 non-polymer 'PHOSPHATE ION'
9 water water
#
_entity_poly.entity_id   1
_entity_poly.type   'polypeptide(L)'
_entity_poly.pdbx_seq_one_letter_code
;SMFLPPPECPVFEPSWEEFADPFAFIHKIRPIAEQTGICKVRPPPDWQPPFACDVDKLHFTPRIQRLNELEAQTRVKLGG
GGARDYTLRTFGEMADAFKSDYFNMPVHMVPTELVEKEFWRLVSTIEEDVTVEYGADIASKEFGSGFPVRDGKIKLSPEE
EEYLDSGWNLNNMPVMEQSVLAHITADICGMKLPWLYVGMCFSSFCWHIEDHWSYSINYLHWGEPKTWYGVPGYAAEQLE
NVMKKLAPELFVSQPDLLHQLVTIMNPNTLMTHEVPVYRTNQCAGEFVITFPRAYHSGFNQGFNFAEAVNFCTVDWLPLG
RQCVEHYRLLHRYCVFSHDEMICKMASKADVLDVVVASTVQKDMAIMIEDEKALRETVRKLGVIDSERMDFELLPDDERQ
CVKCKTTCFMSAISCSCKPGLLVCLHHVKELCSCPPYKYKLRYRYTLDDLYPMMNALKLRAESYNEWALNVNEALEAKI
;
_entity_poly.pdbx_strand_id   A
#
loop_
_chem_comp.id
_chem_comp.type
_chem_comp.name
_chem_comp.formula
7SI non-polymer (1R,4S)-1,2,3,4-tetrahydro-1,4-methanonaphthalene-5,8-diol 'C11 H12 O2'
CL non-polymer 'CHLORIDE ION' 'Cl -1'
DMS non-polymer 'DIMETHYL SULFOXIDE' 'C2 H6 O S'
EDO non-polymer 1,2-ETHANEDIOL 'C2 H6 O2'
MN non-polymer 'MANGANESE (II) ION' 'Mn 2'
PO4 non-polymer 'PHOSPHATE ION' 'O4 P -3'
ZN non-polymer 'ZINC ION' 'Zn 2'
#
# COMPACT_ATOMS: atom_id res chain seq x y z
N SER A 1 -7.49 0.89 -32.91
CA SER A 1 -8.24 -0.29 -33.27
C SER A 1 -7.94 -1.39 -32.27
N MET A 2 -8.99 -1.95 -31.68
CA MET A 2 -8.84 -2.91 -30.58
C MET A 2 -8.05 -2.29 -29.40
N PHE A 3 -6.71 -2.40 -29.38
CA PHE A 3 -5.96 -1.85 -28.23
C PHE A 3 -4.84 -0.88 -28.58
N LEU A 4 -4.96 0.35 -28.08
CA LEU A 4 -3.90 1.35 -28.19
C LEU A 4 -3.11 1.47 -26.90
N PRO A 5 -1.87 0.97 -26.89
CA PRO A 5 -1.01 1.01 -25.69
C PRO A 5 -0.80 2.44 -25.20
N PRO A 6 -0.98 2.67 -23.89
CA PRO A 6 -0.68 4.00 -23.32
C PRO A 6 0.80 4.38 -23.52
N PRO A 7 1.11 5.67 -23.40
CA PRO A 7 2.52 6.10 -23.49
C PRO A 7 3.36 5.47 -22.38
N GLU A 8 4.66 5.32 -22.61
CA GLU A 8 5.54 4.70 -21.59
C GLU A 8 5.78 5.60 -20.37
N CYS A 9 5.88 4.99 -19.20
CA CYS A 9 6.20 5.76 -17.98
C CYS A 9 7.70 6.05 -17.97
N PRO A 10 8.17 7.00 -17.14
CA PRO A 10 9.62 7.30 -17.04
C PRO A 10 10.47 6.10 -16.59
N VAL A 11 11.69 6.00 -17.12
CA VAL A 11 12.63 4.95 -16.75
C VAL A 11 13.92 5.60 -16.27
N PHE A 12 14.41 5.18 -15.09
CA PHE A 12 15.58 5.83 -14.51
C PHE A 12 16.74 4.85 -14.44
N GLU A 13 17.93 5.36 -14.77
CA GLU A 13 19.15 4.56 -14.66
C GLU A 13 20.16 5.29 -13.78
N PRO A 14 19.97 5.22 -12.46
CA PRO A 14 20.86 5.92 -11.54
C PRO A 14 22.29 5.36 -11.54
N SER A 15 23.28 6.26 -11.43
CA SER A 15 24.66 5.86 -11.18
C SER A 15 24.79 5.19 -9.81
N TRP A 16 25.94 4.55 -9.56
N TRP A 16 25.93 4.55 -9.57
CA TRP A 16 26.20 3.92 -8.27
CA TRP A 16 26.18 3.94 -8.27
C TRP A 16 26.16 4.96 -7.14
C TRP A 16 26.09 4.98 -7.16
N GLU A 17 26.54 6.19 -7.45
CA GLU A 17 26.49 7.28 -6.47
C GLU A 17 25.03 7.65 -6.12
N GLU A 18 24.20 7.91 -7.13
CA GLU A 18 22.77 8.22 -6.93
C GLU A 18 22.00 7.06 -6.30
N PHE A 19 22.38 5.84 -6.65
CA PHE A 19 21.67 4.64 -6.23
C PHE A 19 21.89 4.31 -4.76
N ALA A 20 23.03 4.73 -4.21
CA ALA A 20 23.43 4.43 -2.83
C ALA A 20 22.32 4.67 -1.79
N ASP A 21 21.72 5.87 -1.77
CA ASP A 21 20.61 6.14 -0.86
C ASP A 21 19.25 6.12 -1.59
N PRO A 22 18.44 5.09 -1.31
CA PRO A 22 17.12 4.99 -1.96
C PRO A 22 16.22 6.19 -1.67
N PHE A 23 16.25 6.70 -0.45
CA PHE A 23 15.33 7.77 -0.06
C PHE A 23 15.69 9.09 -0.71
N ALA A 24 16.98 9.36 -0.86
CA ALA A 24 17.43 10.58 -1.54
C ALA A 24 17.07 10.52 -3.03
N PHE A 25 17.21 9.34 -3.62
CA PHE A 25 16.94 9.16 -5.05
C PHE A 25 15.46 9.35 -5.37
N ILE A 26 14.60 8.71 -4.57
CA ILE A 26 13.16 8.81 -4.76
C ILE A 26 12.71 10.25 -4.64
N HIS A 27 13.28 10.97 -3.68
CA HIS A 27 12.98 12.39 -3.51
C HIS A 27 13.43 13.20 -4.73
N LYS A 28 14.54 12.80 -5.34
CA LYS A 28 15.02 13.52 -6.51
C LYS A 28 14.11 13.34 -7.74
N ILE A 29 13.67 12.11 -8.01
CA ILE A 29 12.86 11.83 -9.21
C ILE A 29 11.40 12.25 -9.03
N ARG A 30 11.03 12.57 -7.79
CA ARG A 30 9.63 12.86 -7.45
C ARG A 30 8.90 13.90 -8.32
N PRO A 31 9.57 15.00 -8.69
CA PRO A 31 8.80 15.94 -9.51
C PRO A 31 8.39 15.36 -10.88
N ILE A 32 9.24 14.52 -11.45
CA ILE A 32 8.90 13.82 -12.70
C ILE A 32 7.86 12.70 -12.48
N ALA A 33 8.21 11.75 -11.63
CA ALA A 33 7.44 10.52 -11.47
C ALA A 33 6.03 10.71 -10.88
N GLU A 34 5.84 11.75 -10.08
CA GLU A 34 4.51 11.98 -9.52
C GLU A 34 3.53 12.48 -10.58
N GLN A 35 4.02 12.85 -11.76
CA GLN A 35 3.17 13.28 -12.86
C GLN A 35 2.60 12.08 -13.63
N THR A 36 3.23 10.92 -13.44
CA THR A 36 2.85 9.72 -14.16
C THR A 36 2.38 8.58 -13.26
N GLY A 37 2.56 8.73 -11.96
CA GLY A 37 2.04 7.76 -11.00
C GLY A 37 2.98 6.59 -10.75
N ILE A 38 3.44 5.95 -11.82
CA ILE A 38 4.45 4.89 -11.69
C ILE A 38 5.71 5.31 -12.39
N CYS A 39 6.79 4.60 -12.09
CA CYS A 39 8.05 4.78 -12.81
C CYS A 39 8.89 3.53 -12.61
N LYS A 40 9.92 3.38 -13.42
CA LYS A 40 10.72 2.17 -13.41
C LYS A 40 12.17 2.56 -13.07
N VAL A 41 12.84 1.72 -12.30
CA VAL A 41 14.23 1.97 -11.95
C VAL A 41 15.14 0.81 -12.32
N ARG A 42 16.11 1.09 -13.18
CA ARG A 42 17.15 0.13 -13.52
C ARG A 42 18.37 0.32 -12.64
N PRO A 43 18.66 -0.66 -11.77
CA PRO A 43 19.85 -0.59 -10.92
C PRO A 43 21.14 -0.60 -11.75
N PRO A 44 22.20 0.02 -11.23
CA PRO A 44 23.56 -0.10 -11.80
C PRO A 44 23.90 -1.55 -12.12
N PRO A 45 24.59 -1.78 -13.25
CA PRO A 45 24.76 -3.08 -13.89
C PRO A 45 25.39 -4.18 -13.02
N ASP A 46 26.20 -3.80 -12.04
CA ASP A 46 26.84 -4.80 -11.16
C ASP A 46 26.10 -5.06 -9.85
N TRP A 47 25.15 -4.18 -9.48
CA TRP A 47 24.21 -4.49 -8.40
C TRP A 47 23.35 -5.68 -8.83
N GLN A 48 23.71 -6.86 -8.36
CA GLN A 48 22.96 -8.08 -8.68
C GLN A 48 22.88 -9.01 -7.48
N PRO A 49 21.76 -8.93 -6.74
CA PRO A 49 21.59 -9.77 -5.54
C PRO A 49 21.44 -11.23 -5.92
N PRO A 50 22.05 -12.12 -5.14
CA PRO A 50 21.96 -13.54 -5.44
C PRO A 50 20.55 -14.02 -5.21
N PHE A 51 19.99 -14.76 -6.16
CA PHE A 51 18.77 -15.46 -5.86
C PHE A 51 19.02 -16.96 -5.84
N ALA A 52 18.73 -17.59 -4.71
CA ALA A 52 18.89 -19.02 -4.57
C ALA A 52 17.74 -19.62 -3.78
N CYS A 53 17.17 -20.70 -4.32
CA CYS A 53 16.09 -21.42 -3.66
C CYS A 53 15.93 -22.83 -4.22
N ASP A 54 15.41 -23.74 -3.39
CA ASP A 54 15.03 -25.08 -3.82
C ASP A 54 13.58 -25.08 -4.27
N VAL A 55 13.36 -25.38 -5.55
CA VAL A 55 12.02 -25.30 -6.12
C VAL A 55 11.10 -26.38 -5.60
N ASP A 56 11.64 -27.40 -4.96
CA ASP A 56 10.83 -28.52 -4.47
C ASP A 56 10.40 -28.37 -3.01
N LYS A 57 11.05 -27.48 -2.26
CA LYS A 57 10.76 -27.38 -0.83
C LYS A 57 9.91 -26.16 -0.49
N LEU A 58 9.84 -25.22 -1.42
CA LEU A 58 8.96 -24.08 -1.29
C LEU A 58 7.54 -24.45 -1.74
N HIS A 59 6.60 -24.50 -0.79
CA HIS A 59 5.18 -24.79 -1.03
CA HIS A 59 5.21 -24.71 -1.18
C HIS A 59 4.34 -23.52 -0.81
N PHE A 60 3.22 -23.38 -1.52
CA PHE A 60 2.26 -22.32 -1.24
C PHE A 60 0.88 -22.69 -1.74
N THR A 61 -0.13 -22.04 -1.17
CA THR A 61 -1.52 -22.29 -1.57
C THR A 61 -1.96 -21.26 -2.60
N PRO A 62 -2.47 -21.73 -3.75
CA PRO A 62 -2.80 -20.84 -4.87
C PRO A 62 -4.18 -20.18 -4.79
N ARG A 63 -4.28 -18.92 -5.20
CA ARG A 63 -5.57 -18.28 -5.43
C ARG A 63 -6.05 -18.48 -6.88
N ILE A 64 -7.35 -18.67 -7.06
CA ILE A 64 -7.93 -18.86 -8.39
C ILE A 64 -8.58 -17.57 -8.89
N GLN A 65 -8.44 -17.31 -10.19
CA GLN A 65 -8.82 -16.01 -10.71
C GLN A 65 -9.58 -16.12 -12.04
N ARG A 66 -10.79 -15.54 -12.10
CA ARG A 66 -11.52 -15.43 -13.36
C ARG A 66 -11.21 -14.12 -14.06
N LEU A 67 -11.12 -14.14 -15.38
CA LEU A 67 -10.65 -12.97 -16.09
C LEU A 67 -11.74 -12.27 -16.89
N ASN A 68 -12.60 -11.53 -16.20
CA ASN A 68 -13.63 -10.72 -16.85
C ASN A 68 -13.58 -9.26 -16.47
N GLU A 69 -13.62 -8.39 -17.47
CA GLU A 69 -13.62 -6.95 -17.25
C GLU A 69 -14.85 -6.49 -16.46
N LEU A 70 -14.61 -5.62 -15.48
CA LEU A 70 -15.64 -4.97 -14.65
C LEU A 70 -16.34 -5.92 -13.66
N GLU A 71 -15.88 -7.17 -13.59
CA GLU A 71 -16.36 -8.10 -12.58
C GLU A 71 -15.65 -7.89 -11.22
N ALA A 72 -16.41 -7.98 -10.14
CA ALA A 72 -15.87 -7.74 -8.81
C ALA A 72 -14.98 -8.88 -8.33
N GLN A 73 -13.83 -8.50 -7.80
CA GLN A 73 -12.93 -9.43 -7.13
C GLN A 73 -12.61 -8.82 -5.77
N THR A 74 -12.22 -9.64 -4.81
CA THR A 74 -11.84 -9.12 -3.51
C THR A 74 -10.33 -9.13 -3.37
N ARG A 75 -9.77 -8.07 -2.80
CA ARG A 75 -8.33 -8.05 -2.48
C ARG A 75 -8.07 -9.00 -1.32
N VAL A 76 -6.88 -9.61 -1.29
CA VAL A 76 -6.50 -10.63 -0.30
C VAL A 76 -7.65 -11.60 0.04
N ARG A 84 -5.89 -26.91 -1.71
N ARG A 84 -5.79 -26.86 -1.65
CA ARG A 84 -4.95 -27.34 -2.74
CA ARG A 84 -4.97 -27.17 -2.82
C ARG A 84 -3.54 -26.82 -2.43
C ARG A 84 -3.55 -26.61 -2.64
N ASP A 85 -2.55 -27.29 -3.19
CA ASP A 85 -1.15 -26.90 -2.92
C ASP A 85 -0.13 -27.13 -4.06
N TYR A 86 0.77 -26.16 -4.24
CA TYR A 86 1.84 -26.26 -5.26
C TYR A 86 3.22 -26.15 -4.65
N THR A 87 4.20 -26.87 -5.20
CA THR A 87 5.58 -26.43 -4.99
C THR A 87 5.91 -25.41 -6.10
N LEU A 88 6.97 -24.64 -5.91
CA LEU A 88 7.42 -23.74 -6.97
C LEU A 88 7.64 -24.50 -8.30
N ARG A 89 8.14 -25.74 -8.22
CA ARG A 89 8.34 -26.51 -9.45
C ARG A 89 7.03 -26.91 -10.11
N THR A 90 6.08 -27.47 -9.35
CA THR A 90 4.83 -27.93 -9.96
C THR A 90 4.02 -26.75 -10.53
N PHE A 91 4.08 -25.60 -9.87
CA PHE A 91 3.42 -24.42 -10.37
C PHE A 91 4.05 -23.95 -11.67
N GLY A 92 5.39 -23.96 -11.71
CA GLY A 92 6.12 -23.53 -12.89
C GLY A 92 5.80 -24.42 -14.09
N GLU A 93 5.63 -25.71 -13.84
CA GLU A 93 5.29 -26.66 -14.89
C GLU A 93 3.87 -26.41 -15.40
N MET A 94 2.95 -26.08 -14.49
CA MET A 94 1.57 -25.80 -14.87
C MET A 94 1.52 -24.52 -15.70
N ALA A 95 2.22 -23.50 -15.23
CA ALA A 95 2.19 -22.18 -15.85
C ALA A 95 2.81 -22.18 -17.26
N ASP A 96 3.88 -22.94 -17.46
CA ASP A 96 4.57 -23.03 -18.74
C ASP A 96 3.75 -23.83 -19.75
N ALA A 97 3.26 -24.98 -19.34
CA ALA A 97 2.31 -25.75 -20.16
C ALA A 97 1.10 -24.90 -20.56
N PHE A 98 0.53 -24.14 -19.62
CA PHE A 98 -0.62 -23.28 -19.95
C PHE A 98 -0.32 -22.25 -21.05
N LYS A 99 0.76 -21.50 -20.89
CA LYS A 99 1.09 -20.48 -21.89
C LYS A 99 1.40 -21.13 -23.24
N SER A 100 2.22 -22.18 -23.19
CA SER A 100 2.65 -22.91 -24.37
C SER A 100 1.46 -23.45 -25.16
N ASP A 101 0.47 -24.01 -24.46
CA ASP A 101 -0.74 -24.51 -25.12
C ASP A 101 -1.70 -23.43 -25.60
N TYR A 102 -1.76 -22.32 -24.87
CA TYR A 102 -2.64 -21.22 -25.23
C TYR A 102 -2.26 -20.64 -26.58
N PHE A 103 -0.97 -20.54 -26.85
CA PHE A 103 -0.50 -19.89 -28.08
C PHE A 103 0.07 -20.87 -29.11
N ASN A 104 0.20 -22.14 -28.73
CA ASN A 104 0.90 -23.14 -29.55
C ASN A 104 2.28 -22.65 -29.97
N MET A 105 3.06 -22.21 -28.99
CA MET A 105 4.39 -21.66 -29.22
C MET A 105 5.27 -21.97 -28.03
N PRO A 106 6.60 -21.95 -28.22
CA PRO A 106 7.56 -21.93 -27.11
C PRO A 106 7.39 -20.63 -26.30
N VAL A 107 7.32 -20.69 -24.97
CA VAL A 107 6.87 -19.54 -24.17
C VAL A 107 7.68 -18.24 -24.36
N HIS A 108 8.93 -18.35 -24.81
CA HIS A 108 9.74 -17.14 -24.95
C HIS A 108 9.78 -16.63 -26.36
N MET A 109 8.89 -17.17 -27.18
CA MET A 109 8.79 -16.67 -28.53
C MET A 109 7.51 -15.89 -28.72
N VAL A 110 6.64 -15.91 -27.70
CA VAL A 110 5.42 -15.10 -27.71
C VAL A 110 5.73 -13.64 -27.40
N PRO A 111 5.65 -12.76 -28.40
CA PRO A 111 5.93 -11.33 -28.25
C PRO A 111 5.11 -10.68 -27.13
N THR A 112 5.67 -9.70 -26.43
CA THR A 112 4.94 -9.11 -25.27
C THR A 112 3.75 -8.29 -25.74
N GLU A 113 3.90 -7.64 -26.89
CA GLU A 113 2.80 -6.87 -27.52
C GLU A 113 1.58 -7.76 -27.78
N LEU A 114 1.84 -9.03 -28.09
CA LEU A 114 0.77 -9.95 -28.42
C LEU A 114 0.03 -10.41 -27.17
N VAL A 115 0.76 -10.70 -26.10
CA VAL A 115 0.13 -11.10 -24.84
C VAL A 115 -0.76 -9.97 -24.30
N GLU A 116 -0.26 -8.74 -24.36
CA GLU A 116 -1.02 -7.57 -23.95
C GLU A 116 -2.33 -7.41 -24.74
N LYS A 117 -2.22 -7.48 -26.08
CA LYS A 117 -3.38 -7.41 -26.99
C LYS A 117 -4.38 -8.51 -26.69
N GLU A 118 -3.87 -9.71 -26.50
CA GLU A 118 -4.70 -10.87 -26.21
C GLU A 118 -5.34 -10.77 -24.83
N PHE A 119 -4.62 -10.21 -23.86
CA PHE A 119 -5.18 -10.06 -22.51
C PHE A 119 -6.46 -9.22 -22.59
N TRP A 120 -6.36 -8.03 -23.21
CA TRP A 120 -7.53 -7.15 -23.32
C TRP A 120 -8.66 -7.70 -24.19
N ARG A 121 -8.34 -8.54 -25.17
CA ARG A 121 -9.40 -9.24 -25.88
C ARG A 121 -10.12 -10.24 -24.95
N LEU A 122 -9.39 -11.14 -24.30
N LEU A 122 -9.33 -11.10 -24.32
CA LEU A 122 -10.04 -12.20 -23.53
CA LEU A 122 -9.85 -12.16 -23.45
C LEU A 122 -10.86 -11.71 -22.32
C LEU A 122 -10.83 -11.67 -22.37
N VAL A 123 -10.45 -10.61 -21.68
CA VAL A 123 -11.24 -10.10 -20.54
C VAL A 123 -12.53 -9.37 -20.98
N SER A 124 -12.58 -8.93 -22.24
CA SER A 124 -13.75 -8.22 -22.74
C SER A 124 -14.77 -9.17 -23.37
N THR A 125 -14.28 -10.26 -23.96
CA THR A 125 -15.16 -11.28 -24.56
C THR A 125 -15.97 -12.08 -23.56
N ILE A 126 -17.28 -11.95 -23.64
CA ILE A 126 -18.17 -12.57 -22.67
C ILE A 126 -18.09 -14.10 -22.72
N GLU A 127 -17.68 -14.65 -23.85
CA GLU A 127 -17.80 -16.09 -24.04
C GLU A 127 -16.52 -16.88 -23.76
N GLU A 128 -15.42 -16.18 -23.55
CA GLU A 128 -14.22 -16.82 -23.02
C GLU A 128 -14.35 -16.93 -21.51
N ASP A 129 -14.14 -18.12 -20.95
CA ASP A 129 -14.12 -18.28 -19.49
C ASP A 129 -12.76 -18.80 -19.00
N VAL A 130 -11.73 -18.00 -19.27
CA VAL A 130 -10.37 -18.32 -18.89
C VAL A 130 -10.11 -18.06 -17.42
N THR A 131 -9.62 -19.08 -16.70
CA THR A 131 -9.22 -18.88 -15.31
C THR A 131 -7.76 -19.23 -15.11
N VAL A 132 -7.10 -18.50 -14.22
CA VAL A 132 -5.69 -18.73 -13.94
C VAL A 132 -5.46 -18.78 -12.43
N GLU A 133 -4.26 -19.16 -12.04
CA GLU A 133 -3.89 -19.29 -10.63
C GLU A 133 -2.64 -18.47 -10.33
N TYR A 134 -2.47 -18.04 -9.09
CA TYR A 134 -1.30 -17.26 -8.67
C TYR A 134 -1.01 -17.39 -7.18
N GLY A 135 0.18 -16.94 -6.78
CA GLY A 135 0.54 -16.85 -5.37
C GLY A 135 0.65 -15.42 -4.87
N ALA A 136 0.10 -15.18 -3.68
CA ALA A 136 0.34 -13.92 -2.97
C ALA A 136 0.30 -14.12 -1.44
N ASP A 137 1.38 -13.76 -0.76
CA ASP A 137 1.52 -13.98 0.70
C ASP A 137 2.71 -13.21 1.25
N ILE A 138 2.66 -12.85 2.54
CA ILE A 138 3.85 -12.28 3.18
C ILE A 138 4.81 -13.42 3.48
N ALA A 139 6.07 -13.08 3.73
CA ALA A 139 7.10 -14.09 3.97
C ALA A 139 6.83 -14.93 5.23
N SER A 140 7.28 -16.19 5.20
CA SER A 140 7.04 -17.13 6.30
C SER A 140 8.03 -18.30 6.26
N LYS A 141 7.88 -19.23 7.20
CA LYS A 141 8.75 -20.40 7.28
C LYS A 141 8.65 -21.32 6.04
N GLU A 142 7.47 -21.42 5.45
CA GLU A 142 7.28 -22.28 4.28
C GLU A 142 7.72 -21.59 2.99
N PHE A 143 7.82 -20.25 3.04
CA PHE A 143 8.12 -19.44 1.87
C PHE A 143 8.64 -18.04 2.24
N GLY A 144 9.95 -17.84 2.10
CA GLY A 144 10.59 -16.64 2.61
C GLY A 144 11.04 -15.63 1.56
N SER A 145 11.55 -14.50 2.04
CA SER A 145 12.08 -13.46 1.17
C SER A 145 13.03 -13.99 0.09
N GLY A 146 13.00 -13.39 -1.09
CA GLY A 146 13.97 -13.69 -2.12
C GLY A 146 15.25 -12.89 -1.94
N PHE A 147 15.23 -11.93 -1.01
CA PHE A 147 16.45 -11.20 -0.67
C PHE A 147 17.14 -11.91 0.51
N PRO A 148 18.47 -11.73 0.66
CA PRO A 148 19.22 -12.27 1.80
C PRO A 148 18.68 -11.76 3.15
N VAL A 149 18.48 -12.66 4.11
CA VAL A 149 18.11 -12.27 5.48
C VAL A 149 18.90 -13.10 6.49
N ARG A 150 19.08 -12.57 7.70
CA ARG A 150 19.90 -13.24 8.70
C ARG A 150 19.25 -14.48 9.34
N ASP A 151 20.04 -15.54 9.49
CA ASP A 151 19.63 -16.79 10.13
C ASP A 151 20.86 -17.66 10.41
N ILE A 154 21.28 -20.51 9.07
CA ILE A 154 22.06 -20.75 7.87
C ILE A 154 23.28 -19.81 7.79
N LYS A 155 24.42 -20.39 7.37
CA LYS A 155 25.63 -19.64 7.06
C LYS A 155 25.53 -19.04 5.65
N LEU A 156 25.82 -17.75 5.53
CA LEU A 156 25.68 -17.03 4.26
C LEU A 156 27.03 -16.90 3.54
N SER A 157 26.99 -16.87 2.20
CA SER A 157 28.19 -16.66 1.39
C SER A 157 28.62 -15.19 1.45
N PRO A 158 29.90 -14.88 1.18
CA PRO A 158 30.41 -13.50 1.23
C PRO A 158 29.63 -12.50 0.35
N GLU A 159 28.97 -13.00 -0.70
CA GLU A 159 28.24 -12.13 -1.63
C GLU A 159 26.81 -11.88 -1.14
N GLU A 160 26.17 -12.90 -0.57
CA GLU A 160 24.90 -12.73 0.14
C GLU A 160 25.04 -11.66 1.22
N GLU A 161 26.16 -11.71 1.95
CA GLU A 161 26.43 -10.79 3.04
C GLU A 161 26.47 -9.35 2.55
N GLU A 162 26.99 -9.13 1.35
CA GLU A 162 27.06 -7.81 0.71
C GLU A 162 25.70 -7.11 0.56
N TYR A 163 24.64 -7.89 0.33
CA TYR A 163 23.33 -7.32 0.03
C TYR A 163 22.41 -7.31 1.25
N LEU A 164 22.92 -7.83 2.37
CA LEU A 164 22.16 -7.92 3.62
C LEU A 164 21.64 -6.57 4.11
N ASP A 165 22.43 -5.53 3.90
CA ASP A 165 22.09 -4.23 4.47
C ASP A 165 21.94 -3.20 3.39
N SER A 166 21.63 -3.67 2.19
CA SER A 166 21.35 -2.75 1.10
C SER A 166 20.06 -2.00 1.41
N GLY A 167 20.00 -0.75 1.00
CA GLY A 167 18.76 0.02 1.13
C GLY A 167 17.68 -0.53 0.22
N TRP A 168 18.08 -1.13 -0.91
CA TRP A 168 17.12 -1.69 -1.85
C TRP A 168 16.82 -3.15 -1.59
N ASN A 169 17.40 -3.72 -0.55
CA ASN A 169 16.91 -5.00 -0.02
C ASN A 169 15.58 -4.65 0.62
N LEU A 170 14.48 -5.19 0.12
CA LEU A 170 13.18 -4.65 0.50
C LEU A 170 12.80 -5.00 1.96
N ASN A 171 13.56 -5.91 2.59
CA ASN A 171 13.36 -6.17 4.03
C ASN A 171 13.80 -5.01 4.94
N ASN A 172 14.78 -4.25 4.48
CA ASN A 172 15.37 -3.14 5.25
C ASN A 172 14.61 -1.82 5.13
N MET A 173 13.87 -1.67 4.03
CA MET A 173 13.33 -0.37 3.65
C MET A 173 12.34 0.24 4.65
N PRO A 174 11.39 -0.58 5.19
CA PRO A 174 10.54 -0.03 6.26
C PRO A 174 11.28 0.46 7.52
N VAL A 175 12.36 -0.21 7.92
CA VAL A 175 12.98 0.10 9.21
C VAL A 175 14.20 1.01 9.12
N MET A 176 14.38 1.67 7.98
CA MET A 176 15.38 2.73 7.87
C MET A 176 14.80 4.01 8.44
N GLU A 177 15.63 5.05 8.60
CA GLU A 177 15.21 6.21 9.39
C GLU A 177 14.80 7.43 8.57
N GLN A 178 14.89 7.33 7.26
N GLN A 178 14.89 7.34 7.25
CA GLN A 178 14.30 8.33 6.37
CA GLN A 178 14.29 8.33 6.37
C GLN A 178 12.81 7.98 6.18
C GLN A 178 12.80 8.00 6.22
N SER A 179 12.44 6.81 6.68
CA SER A 179 11.07 6.31 6.65
C SER A 179 10.32 6.58 7.97
N VAL A 180 9.01 6.84 7.91
CA VAL A 180 8.29 7.29 9.10
C VAL A 180 7.51 6.14 9.78
N LEU A 181 7.08 5.13 9.03
CA LEU A 181 6.83 3.83 9.66
C LEU A 181 8.23 3.33 9.93
N ALA A 182 8.50 2.87 11.15
CA ALA A 182 9.85 2.53 11.59
C ALA A 182 9.79 2.42 13.09
N HIS A 183 9.92 3.56 13.74
CA HIS A 183 9.83 3.67 15.19
C HIS A 183 8.41 3.28 15.68
N ILE A 184 7.48 3.03 14.74
CA ILE A 184 6.14 2.54 15.10
C ILE A 184 6.15 1.07 15.56
N THR A 185 5.40 0.80 16.63
CA THR A 185 5.38 -0.50 17.27
C THR A 185 4.01 -1.19 17.17
N ALA A 186 3.01 -0.44 16.71
CA ALA A 186 1.64 -0.94 16.63
C ALA A 186 1.47 -2.22 15.78
N ASP A 187 2.51 -2.65 15.10
CA ASP A 187 2.52 -3.93 14.37
C ASP A 187 1.37 -4.04 13.36
N ILE A 188 1.24 -3.02 12.51
CA ILE A 188 0.37 -3.08 11.36
C ILE A 188 1.03 -3.94 10.27
N CYS A 189 0.96 -5.27 10.44
CA CYS A 189 1.84 -6.23 9.73
C CYS A 189 1.76 -6.25 8.19
N GLY A 190 0.59 -5.93 7.62
CA GLY A 190 0.40 -5.91 6.18
C GLY A 190 1.21 -4.80 5.50
N MET A 191 1.85 -3.94 6.29
CA MET A 191 2.48 -2.74 5.76
C MET A 191 3.94 -2.54 6.13
N LYS A 192 4.51 -3.44 6.91
CA LYS A 192 5.93 -3.29 7.25
C LYS A 192 6.69 -4.49 6.70
N LEU A 193 5.93 -5.51 6.28
CA LEU A 193 6.50 -6.78 5.82
C LEU A 193 6.29 -6.92 4.34
N PRO A 194 7.31 -7.46 3.65
CA PRO A 194 7.23 -7.66 2.20
C PRO A 194 6.26 -8.79 1.82
N TRP A 195 5.59 -8.61 0.68
CA TRP A 195 4.74 -9.65 0.10
C TRP A 195 5.47 -10.30 -1.07
N LEU A 196 5.22 -11.59 -1.25
CA LEU A 196 5.79 -12.38 -2.34
C LEU A 196 4.71 -12.76 -3.33
N TYR A 197 5.02 -12.61 -4.62
CA TYR A 197 4.05 -12.88 -5.68
C TYR A 197 4.58 -13.82 -6.76
N VAL A 198 3.97 -14.99 -6.88
CA VAL A 198 4.28 -15.93 -7.96
C VAL A 198 3.28 -15.78 -9.12
N GLY A 199 3.75 -15.33 -10.28
CA GLY A 199 2.86 -15.11 -11.42
C GLY A 199 2.89 -16.18 -12.52
N MET A 200 1.81 -16.25 -13.30
CA MET A 200 1.78 -17.02 -14.55
C MET A 200 1.10 -16.14 -15.61
N CYS A 201 1.13 -16.56 -16.89
CA CYS A 201 0.55 -15.76 -17.99
C CYS A 201 -0.90 -15.33 -17.71
N PHE A 202 -1.16 -14.03 -17.82
CA PHE A 202 -2.49 -13.42 -17.63
C PHE A 202 -2.93 -13.22 -16.16
N SER A 203 -2.23 -13.80 -15.18
CA SER A 203 -2.59 -13.56 -13.78
C SER A 203 -2.45 -12.07 -13.57
N SER A 204 -3.40 -11.46 -12.87
N SER A 204 -3.38 -11.49 -12.82
CA SER A 204 -3.48 -10.00 -12.90
CA SER A 204 -3.64 -10.05 -12.88
C SER A 204 -3.86 -9.38 -11.57
C SER A 204 -3.83 -9.40 -11.51
N PHE A 205 -3.44 -8.13 -11.40
CA PHE A 205 -3.73 -7.37 -10.20
C PHE A 205 -4.63 -6.20 -10.60
N CYS A 206 -5.80 -6.13 -9.97
CA CYS A 206 -6.83 -5.13 -10.32
C CYS A 206 -6.45 -3.71 -9.93
N TRP A 207 -7.20 -2.76 -10.46
CA TRP A 207 -6.98 -1.34 -10.14
C TRP A 207 -7.14 -1.07 -8.64
N HIS A 208 -6.15 -0.40 -8.06
CA HIS A 208 -6.20 -0.05 -6.63
C HIS A 208 -5.16 1.01 -6.27
N ILE A 209 -5.28 1.58 -5.08
CA ILE A 209 -4.21 2.38 -4.47
C ILE A 209 -3.78 1.75 -3.15
N GLU A 210 -2.63 2.13 -2.61
CA GLU A 210 -2.15 1.49 -1.39
C GLU A 210 -2.94 1.96 -0.16
N ASP A 211 -3.00 1.11 0.85
CA ASP A 211 -3.54 1.53 2.13
C ASP A 211 -2.85 2.83 2.62
N HIS A 212 -3.68 3.76 3.13
CA HIS A 212 -3.26 5.08 3.63
C HIS A 212 -2.47 5.91 2.60
N TRP A 213 -2.72 5.64 1.32
CA TRP A 213 -2.06 6.34 0.21
C TRP A 213 -0.53 6.27 0.30
N SER A 214 0.01 5.18 0.83
CA SER A 214 1.46 5.03 0.87
C SER A 214 2.09 4.78 -0.51
N TYR A 215 3.41 4.92 -0.57
CA TYR A 215 4.22 4.45 -1.70
C TYR A 215 4.22 2.92 -1.72
N SER A 216 4.62 2.34 -2.86
CA SER A 216 5.07 0.95 -2.86
C SER A 216 6.26 0.83 -3.80
N ILE A 217 7.04 -0.23 -3.58
CA ILE A 217 8.19 -0.54 -4.40
C ILE A 217 8.14 -2.04 -4.66
N ASN A 218 8.32 -2.43 -5.94
N ASN A 218 8.44 -2.41 -5.90
CA ASN A 218 8.20 -3.82 -6.39
CA ASN A 218 8.22 -3.75 -6.40
C ASN A 218 9.48 -4.23 -7.11
C ASN A 218 9.46 -4.24 -7.15
N TYR A 219 9.98 -5.40 -6.76
CA TYR A 219 11.17 -5.95 -7.41
C TYR A 219 10.87 -7.28 -8.04
N LEU A 220 11.17 -7.40 -9.34
CA LEU A 220 11.00 -8.67 -10.04
C LEU A 220 12.31 -9.48 -9.97
N HIS A 221 12.29 -10.60 -9.24
CA HIS A 221 13.53 -11.34 -8.97
C HIS A 221 14.00 -12.08 -10.20
N TRP A 222 13.06 -12.80 -10.83
CA TRP A 222 13.31 -13.55 -12.04
C TRP A 222 12.03 -13.92 -12.83
N GLY A 223 12.21 -14.31 -14.09
CA GLY A 223 11.12 -14.85 -14.90
C GLY A 223 10.66 -13.89 -15.97
N GLU A 224 9.47 -14.14 -16.51
CA GLU A 224 9.01 -13.32 -17.64
C GLU A 224 8.46 -11.99 -17.13
N PRO A 225 8.38 -10.97 -18.00
CA PRO A 225 8.03 -9.64 -17.47
C PRO A 225 6.65 -9.51 -16.86
N LYS A 226 6.45 -8.36 -16.20
CA LYS A 226 5.19 -7.93 -15.61
C LYS A 226 4.80 -6.64 -16.30
N THR A 227 3.53 -6.54 -16.70
CA THR A 227 3.05 -5.35 -17.40
C THR A 227 2.22 -4.47 -16.47
N TRP A 228 2.56 -3.17 -16.39
CA TRP A 228 1.94 -2.22 -15.45
C TRP A 228 1.16 -1.11 -16.16
N TYR A 229 0.03 -0.70 -15.58
CA TYR A 229 -0.62 0.56 -15.96
C TYR A 229 -0.71 1.44 -14.71
N GLY A 230 -0.46 2.73 -14.87
CA GLY A 230 -0.43 3.65 -13.74
C GLY A 230 -1.08 4.99 -14.04
N VAL A 231 -1.69 5.59 -13.02
CA VAL A 231 -2.35 6.90 -13.13
C VAL A 231 -1.79 7.86 -12.04
N PRO A 232 -1.43 9.11 -12.43
CA PRO A 232 -0.88 10.00 -11.38
C PRO A 232 -1.87 10.28 -10.24
N GLY A 233 -1.35 10.61 -9.06
CA GLY A 233 -2.19 10.87 -7.90
C GLY A 233 -3.22 11.97 -8.09
N TYR A 234 -2.89 12.99 -8.87
CA TYR A 234 -3.80 14.11 -9.04
C TYR A 234 -5.10 13.73 -9.78
N ALA A 235 -5.10 12.58 -10.45
CA ALA A 235 -6.27 12.17 -11.25
C ALA A 235 -7.06 11.06 -10.58
N ALA A 236 -6.78 10.80 -9.30
CA ALA A 236 -7.43 9.70 -8.59
C ALA A 236 -8.97 9.81 -8.58
N GLU A 237 -9.52 10.99 -8.31
CA GLU A 237 -10.98 11.10 -8.21
C GLU A 237 -11.62 11.05 -9.60
N GLN A 238 -10.90 11.58 -10.59
CA GLN A 238 -11.33 11.48 -11.97
C GLN A 238 -11.49 9.99 -12.36
N LEU A 239 -10.52 9.15 -12.02
CA LEU A 239 -10.64 7.72 -12.29
C LEU A 239 -11.79 7.07 -11.51
N GLU A 240 -12.04 7.51 -10.29
CA GLU A 240 -13.10 6.87 -9.49
C GLU A 240 -14.51 7.19 -10.03
N ASN A 241 -14.70 8.40 -10.53
CA ASN A 241 -15.94 8.75 -11.18
C ASN A 241 -16.22 7.90 -12.44
N VAL A 242 -15.20 7.67 -13.26
CA VAL A 242 -15.35 6.79 -14.40
C VAL A 242 -15.72 5.37 -13.93
N MET A 243 -15.08 4.91 -12.86
CA MET A 243 -15.38 3.59 -12.30
C MET A 243 -16.82 3.50 -11.74
N LYS A 244 -17.25 4.48 -10.94
CA LYS A 244 -18.64 4.47 -10.44
C LYS A 244 -19.69 4.37 -11.55
N LYS A 245 -19.51 5.15 -12.61
CA LYS A 245 -20.47 5.14 -13.70
C LYS A 245 -20.58 3.77 -14.38
N LEU A 246 -19.46 3.08 -14.60
CA LEU A 246 -19.49 1.80 -15.35
C LEU A 246 -19.57 0.54 -14.46
N ALA A 247 -19.29 0.65 -13.17
CA ALA A 247 -19.43 -0.51 -12.26
C ALA A 247 -19.71 -0.14 -10.80
N PRO A 248 -20.91 0.39 -10.51
CA PRO A 248 -21.28 0.88 -9.17
C PRO A 248 -21.29 -0.16 -8.04
N GLU A 249 -21.32 -1.45 -8.37
CA GLU A 249 -21.32 -2.52 -7.37
C GLU A 249 -20.05 -2.52 -6.54
N LEU A 250 -18.98 -1.94 -7.08
CA LEU A 250 -17.70 -1.85 -6.38
C LEU A 250 -17.71 -0.77 -5.32
N PHE A 251 -18.79 -0.02 -5.23
CA PHE A 251 -18.82 1.14 -4.34
C PHE A 251 -19.87 1.04 -3.23
N VAL A 252 -20.62 -0.06 -3.22
CA VAL A 252 -21.46 -0.38 -2.07
C VAL A 252 -20.55 -0.58 -0.85
N SER A 253 -21.01 -0.11 0.31
CA SER A 253 -20.21 -0.13 1.54
C SER A 253 -19.69 -1.52 1.87
N GLN A 254 -18.38 -1.63 2.08
CA GLN A 254 -17.73 -2.89 2.43
C GLN A 254 -17.80 -3.10 3.94
N PRO A 255 -18.18 -4.31 4.39
CA PRO A 255 -18.30 -4.63 5.82
C PRO A 255 -16.98 -4.46 6.58
N ASP A 256 -15.90 -5.04 6.06
CA ASP A 256 -14.59 -4.96 6.70
C ASP A 256 -13.51 -4.38 5.79
N LEU A 257 -12.26 -4.54 6.21
N LEU A 257 -12.28 -4.53 6.26
CA LEU A 257 -11.14 -4.13 5.40
CA LEU A 257 -11.08 -4.18 5.52
C LEU A 257 -10.67 -5.32 4.55
C LEU A 257 -10.71 -5.31 4.56
N LEU A 258 -11.22 -6.50 4.84
CA LEU A 258 -10.95 -7.68 4.03
C LEU A 258 -12.06 -7.90 3.01
N HIS A 259 -12.79 -6.82 2.72
CA HIS A 259 -13.90 -6.88 1.80
C HIS A 259 -13.85 -5.76 0.76
N GLN A 260 -12.67 -5.17 0.57
CA GLN A 260 -12.46 -4.17 -0.49
C GLN A 260 -12.76 -4.85 -1.83
N LEU A 261 -13.60 -4.23 -2.66
CA LEU A 261 -13.89 -4.77 -3.98
C LEU A 261 -13.06 -4.06 -5.05
N VAL A 262 -12.46 -4.82 -5.96
CA VAL A 262 -11.64 -4.23 -7.03
C VAL A 262 -11.92 -4.87 -8.38
N THR A 263 -11.44 -4.26 -9.47
CA THR A 263 -11.72 -4.80 -10.79
C THR A 263 -10.66 -4.59 -11.90
N ILE A 264 -10.76 -5.43 -12.93
CA ILE A 264 -10.05 -5.27 -14.19
C ILE A 264 -10.77 -4.24 -15.08
N MET A 265 -10.04 -3.29 -15.64
CA MET A 265 -10.65 -2.32 -16.57
C MET A 265 -9.65 -1.80 -17.59
N ASN A 266 -10.07 -1.81 -18.86
CA ASN A 266 -9.22 -1.42 -19.98
C ASN A 266 -8.72 0.02 -19.85
N PRO A 267 -7.40 0.22 -19.86
CA PRO A 267 -6.88 1.60 -19.78
C PRO A 267 -7.39 2.49 -20.92
N ASN A 268 -7.75 1.91 -22.07
CA ASN A 268 -8.29 2.70 -23.19
C ASN A 268 -9.62 3.36 -22.81
N THR A 269 -10.45 2.64 -22.04
CA THR A 269 -11.69 3.20 -21.51
C THR A 269 -11.38 4.45 -20.68
N LEU A 270 -10.35 4.39 -19.85
CA LEU A 270 -9.96 5.53 -19.03
C LEU A 270 -9.45 6.70 -19.87
N MET A 271 -8.62 6.39 -20.86
CA MET A 271 -8.01 7.43 -21.69
C MET A 271 -9.09 8.13 -22.52
N THR A 272 -10.11 7.37 -22.91
CA THR A 272 -11.25 7.92 -23.64
C THR A 272 -11.97 8.97 -22.80
N HIS A 273 -12.04 8.76 -21.49
CA HIS A 273 -12.63 9.74 -20.59
C HIS A 273 -11.62 10.75 -20.02
N GLU A 274 -10.50 10.94 -20.70
CA GLU A 274 -9.51 11.98 -20.38
C GLU A 274 -8.67 11.74 -19.12
N VAL A 275 -8.69 10.52 -18.60
CA VAL A 275 -7.80 10.12 -17.51
C VAL A 275 -6.40 9.75 -18.03
N PRO A 276 -5.33 10.39 -17.51
CA PRO A 276 -3.99 10.04 -18.02
C PRO A 276 -3.48 8.68 -17.53
N VAL A 277 -3.14 7.79 -18.46
CA VAL A 277 -2.62 6.46 -18.15
C VAL A 277 -1.24 6.25 -18.75
N TYR A 278 -0.35 5.60 -18.01
CA TYR A 278 0.98 5.25 -18.51
C TYR A 278 1.22 3.75 -18.40
N ARG A 279 2.20 3.22 -19.12
CA ARG A 279 2.49 1.79 -19.07
C ARG A 279 3.99 1.52 -18.96
N THR A 280 4.33 0.28 -18.62
CA THR A 280 5.69 -0.20 -18.79
C THR A 280 5.69 -1.73 -18.73
N ASN A 281 6.75 -2.35 -19.28
CA ASN A 281 7.07 -3.74 -18.98
C ASN A 281 8.24 -3.80 -18.00
N GLN A 282 8.00 -4.39 -16.84
CA GLN A 282 9.03 -4.59 -15.86
C GLN A 282 9.72 -5.93 -16.13
N CYS A 283 11.01 -5.90 -16.38
CA CYS A 283 11.79 -7.13 -16.58
C CYS A 283 12.56 -7.54 -15.31
N ALA A 284 13.02 -8.79 -15.29
CA ALA A 284 13.80 -9.33 -14.18
C ALA A 284 14.98 -8.42 -13.84
N GLY A 285 15.13 -8.12 -12.54
CA GLY A 285 16.16 -7.21 -12.04
C GLY A 285 15.79 -5.73 -12.08
N GLU A 286 14.53 -5.41 -12.40
CA GLU A 286 14.11 -4.01 -12.35
C GLU A 286 13.09 -3.73 -11.19
N PHE A 287 13.09 -2.48 -10.74
CA PHE A 287 12.14 -2.00 -9.73
C PHE A 287 11.06 -1.17 -10.39
N VAL A 288 9.83 -1.34 -9.92
CA VAL A 288 8.76 -0.35 -10.13
C VAL A 288 8.38 0.32 -8.80
N ILE A 289 8.19 1.64 -8.85
CA ILE A 289 7.75 2.42 -7.71
C ILE A 289 6.41 3.12 -7.98
N THR A 290 5.44 2.94 -7.10
CA THR A 290 4.19 3.69 -7.19
C THR A 290 4.16 4.80 -6.14
N PHE A 291 3.67 5.97 -6.54
CA PHE A 291 3.59 7.15 -5.70
C PHE A 291 2.24 7.28 -4.97
N PRO A 292 2.16 8.14 -3.94
CA PRO A 292 0.92 8.21 -3.13
C PRO A 292 -0.35 8.50 -3.94
N ARG A 293 -1.40 7.71 -3.71
CA ARG A 293 -2.68 7.84 -4.41
C ARG A 293 -2.62 7.65 -5.93
N ALA A 294 -1.59 6.94 -6.40
CA ALA A 294 -1.47 6.59 -7.82
C ALA A 294 -2.14 5.25 -8.08
N TYR A 295 -3.28 5.25 -8.78
CA TYR A 295 -3.91 3.98 -9.17
C TYR A 295 -2.99 3.16 -10.08
N HIS A 296 -3.00 1.84 -9.93
CA HIS A 296 -2.22 0.98 -10.82
C HIS A 296 -2.86 -0.38 -10.94
N SER A 297 -2.53 -1.07 -12.05
CA SER A 297 -2.96 -2.46 -12.32
C SER A 297 -2.05 -3.11 -13.36
N GLY A 298 -2.25 -4.39 -13.59
CA GLY A 298 -1.50 -5.04 -14.65
C GLY A 298 -1.65 -6.53 -14.67
N PHE A 299 -0.75 -7.20 -15.39
CA PHE A 299 -0.82 -8.66 -15.50
C PHE A 299 0.59 -9.20 -15.79
N ASN A 300 0.78 -10.48 -15.56
CA ASN A 300 2.05 -11.12 -15.85
C ASN A 300 2.10 -11.73 -17.27
N GLN A 301 3.27 -11.62 -17.91
CA GLN A 301 3.49 -12.22 -19.23
C GLN A 301 3.71 -13.74 -19.17
N GLY A 302 4.15 -14.24 -18.02
CA GLY A 302 4.35 -15.68 -17.84
C GLY A 302 4.83 -16.00 -16.43
N PHE A 303 5.47 -17.15 -16.25
CA PHE A 303 5.99 -17.61 -14.96
C PHE A 303 7.03 -16.61 -14.39
N ASN A 304 6.79 -16.11 -13.18
CA ASN A 304 7.73 -15.17 -12.58
C ASN A 304 7.62 -15.07 -11.04
N PHE A 305 8.53 -14.32 -10.42
CA PHE A 305 8.59 -14.19 -8.97
C PHE A 305 8.94 -12.77 -8.56
N ALA A 306 8.04 -12.15 -7.80
CA ALA A 306 8.21 -10.75 -7.42
C ALA A 306 8.00 -10.54 -5.93
N GLU A 307 8.54 -9.43 -5.44
CA GLU A 307 8.49 -9.11 -4.03
C GLU A 307 8.19 -7.64 -3.92
N ALA A 308 7.31 -7.27 -2.99
CA ALA A 308 6.91 -5.86 -2.87
C ALA A 308 6.70 -5.42 -1.41
N VAL A 309 6.86 -4.11 -1.18
CA VAL A 309 6.65 -3.58 0.16
C VAL A 309 6.08 -2.15 0.11
N ASN A 310 5.22 -1.83 1.07
CA ASN A 310 4.76 -0.44 1.28
C ASN A 310 5.82 0.37 1.99
N PHE A 311 5.82 1.69 1.81
CA PHE A 311 6.64 2.55 2.65
C PHE A 311 6.17 4.01 2.63
N CYS A 312 6.64 4.78 3.61
CA CYS A 312 6.19 6.16 3.83
C CYS A 312 7.36 7.09 4.13
N THR A 313 7.49 8.16 3.36
CA THR A 313 8.58 9.12 3.56
C THR A 313 8.01 10.38 4.19
N VAL A 314 8.87 11.35 4.50
CA VAL A 314 8.40 12.60 5.12
C VAL A 314 7.51 13.38 4.16
N ASP A 315 7.78 13.25 2.87
CA ASP A 315 6.92 13.80 1.81
C ASP A 315 5.45 13.37 1.94
N TRP A 316 5.23 12.16 2.45
CA TRP A 316 3.92 11.57 2.47
C TRP A 316 3.08 12.03 3.69
N LEU A 317 3.74 12.47 4.77
CA LEU A 317 3.01 12.75 6.03
C LEU A 317 1.72 13.57 5.86
N PRO A 318 1.77 14.71 5.11
CA PRO A 318 0.50 15.44 4.90
C PRO A 318 -0.58 14.63 4.17
N LEU A 319 -0.20 13.91 3.12
CA LEU A 319 -1.15 13.07 2.41
C LEU A 319 -1.76 12.01 3.32
N GLY A 320 -0.93 11.46 4.19
CA GLY A 320 -1.40 10.48 5.16
C GLY A 320 -2.50 11.04 6.08
N ARG A 321 -2.43 12.33 6.39
CA ARG A 321 -3.47 12.99 7.19
C ARG A 321 -4.72 13.20 6.32
N GLN A 322 -4.54 13.77 5.12
N GLN A 322 -4.55 13.77 5.12
CA GLN A 322 -5.63 13.95 4.17
CA GLN A 322 -5.67 13.93 4.18
C GLN A 322 -6.33 12.62 3.86
C GLN A 322 -6.36 12.59 3.90
N CYS A 323 -5.56 11.54 3.74
CA CYS A 323 -6.15 10.21 3.52
C CYS A 323 -7.08 9.75 4.64
N VAL A 324 -6.67 9.90 5.90
CA VAL A 324 -7.49 9.45 7.04
C VAL A 324 -8.79 10.28 7.15
N GLU A 325 -8.68 11.57 6.89
CA GLU A 325 -9.83 12.44 6.68
C GLU A 325 -10.80 11.90 5.60
N HIS A 326 -10.25 11.52 4.44
CA HIS A 326 -11.04 10.94 3.34
C HIS A 326 -11.66 9.57 3.70
N TYR A 327 -10.96 8.76 4.48
CA TYR A 327 -11.53 7.50 4.97
C TYR A 327 -12.77 7.73 5.83
N ARG A 328 -12.77 8.85 6.56
CA ARG A 328 -13.85 9.17 7.48
C ARG A 328 -15.11 9.57 6.71
N LEU A 329 -14.93 10.43 5.69
CA LEU A 329 -16.03 10.78 4.79
C LEU A 329 -16.66 9.54 4.14
N LEU A 330 -15.84 8.56 3.79
CA LEU A 330 -16.32 7.33 3.16
C LEU A 330 -16.70 6.21 4.13
N HIS A 331 -16.55 6.46 5.42
CA HIS A 331 -16.74 5.42 6.43
C HIS A 331 -15.88 4.17 6.17
N ARG A 332 -14.65 4.36 5.69
CA ARG A 332 -13.73 3.24 5.48
C ARG A 332 -12.86 2.96 6.73
N TYR A 333 -12.61 1.69 7.00
CA TYR A 333 -11.69 1.29 8.06
C TYR A 333 -10.22 1.70 7.82
N CYS A 334 -9.51 1.98 8.92
CA CYS A 334 -8.10 2.35 8.89
C CYS A 334 -7.25 1.14 9.21
N VAL A 335 -6.01 1.13 8.73
CA VAL A 335 -5.09 0.05 9.08
C VAL A 335 -4.41 0.38 10.41
N PHE A 336 -4.08 1.67 10.59
CA PHE A 336 -3.53 2.18 11.86
C PHE A 336 -4.01 3.60 12.13
N SER A 337 -3.74 4.09 13.34
CA SER A 337 -4.05 5.48 13.68
C SER A 337 -2.87 6.38 13.30
N HIS A 338 -3.14 7.36 12.47
CA HIS A 338 -2.12 8.31 12.03
C HIS A 338 -1.63 9.18 13.21
N ASP A 339 -2.57 9.68 14.03
CA ASP A 339 -2.20 10.51 15.17
C ASP A 339 -1.37 9.72 16.19
N GLU A 340 -1.70 8.45 16.37
CA GLU A 340 -0.94 7.60 17.27
C GLU A 340 0.50 7.48 16.78
N MET A 341 0.67 7.40 15.47
CA MET A 341 2.00 7.31 14.89
C MET A 341 2.79 8.61 15.12
N ILE A 342 2.15 9.75 14.85
CA ILE A 342 2.74 11.06 15.08
C ILE A 342 3.22 11.21 16.54
N CYS A 343 2.35 10.86 17.49
CA CYS A 343 2.67 11.04 18.90
C CYS A 343 3.76 10.09 19.34
N LYS A 344 3.83 8.91 18.72
CA LYS A 344 4.89 7.95 19.06
C LYS A 344 6.25 8.49 18.62
N MET A 345 6.28 9.14 17.47
CA MET A 345 7.52 9.74 16.99
C MET A 345 7.95 10.90 17.87
N ALA A 346 6.99 11.74 18.29
CA ALA A 346 7.28 12.88 19.16
C ALA A 346 7.86 12.39 20.49
N SER A 347 7.36 11.27 21.01
CA SER A 347 7.88 10.69 22.25
C SER A 347 9.27 10.07 22.08
N LYS A 348 9.72 9.90 20.84
CA LYS A 348 11.07 9.39 20.59
C LYS A 348 11.91 10.47 19.91
N ALA A 349 11.56 11.73 20.14
CA ALA A 349 12.13 12.86 19.37
C ALA A 349 13.66 12.91 19.44
N ASP A 350 14.24 12.46 20.55
CA ASP A 350 15.70 12.52 20.73
C ASP A 350 16.51 11.60 19.80
N VAL A 351 15.91 10.55 19.26
CA VAL A 351 16.64 9.63 18.36
C VAL A 351 16.17 9.69 16.89
N LEU A 352 15.32 10.67 16.56
CA LEU A 352 14.84 10.82 15.19
C LEU A 352 15.83 11.55 14.31
N ASP A 353 15.89 11.14 13.04
CA ASP A 353 16.54 11.93 12.01
C ASP A 353 16.02 13.38 12.12
N VAL A 354 16.89 14.36 11.84
CA VAL A 354 16.50 15.76 12.08
C VAL A 354 15.50 16.30 11.07
N VAL A 355 15.53 15.80 9.83
CA VAL A 355 14.56 16.22 8.80
C VAL A 355 13.18 15.64 9.09
N VAL A 356 13.17 14.37 9.51
CA VAL A 356 11.98 13.72 10.01
C VAL A 356 11.35 14.55 11.13
N ALA A 357 12.15 14.87 12.15
CA ALA A 357 11.68 15.64 13.30
C ALA A 357 11.00 16.94 12.88
N SER A 358 11.58 17.60 11.88
CA SER A 358 11.05 18.87 11.41
C SER A 358 9.69 18.73 10.72
N THR A 359 9.55 17.68 9.91
CA THR A 359 8.31 17.43 9.19
C THR A 359 7.20 16.90 10.12
N VAL A 360 7.57 16.07 11.08
CA VAL A 360 6.61 15.60 12.08
C VAL A 360 6.05 16.77 12.89
N GLN A 361 6.94 17.69 13.27
CA GLN A 361 6.53 18.88 14.01
C GLN A 361 5.44 19.68 13.29
N LYS A 362 5.56 19.83 11.97
CA LYS A 362 4.58 20.60 11.21
C LYS A 362 3.23 19.88 11.19
N ASP A 363 3.24 18.56 11.08
CA ASP A 363 1.99 17.79 11.13
C ASP A 363 1.38 17.84 12.53
N MET A 364 2.24 17.79 13.55
CA MET A 364 1.75 17.80 14.91
C MET A 364 1.04 19.13 15.22
N ALA A 365 1.54 20.23 14.66
CA ALA A 365 0.93 21.54 14.90
C ALA A 365 -0.48 21.60 14.33
N ILE A 366 -0.69 21.02 13.17
CA ILE A 366 -2.02 20.94 12.59
C ILE A 366 -2.93 20.05 13.43
N MET A 367 -2.42 18.89 13.83
CA MET A 367 -3.15 17.96 14.68
C MET A 367 -3.66 18.64 15.95
N ILE A 368 -2.79 19.39 16.61
CA ILE A 368 -3.13 20.02 17.89
C ILE A 368 -4.19 21.10 17.70
N GLU A 369 -4.04 21.94 16.68
CA GLU A 369 -5.05 22.96 16.40
C GLU A 369 -6.43 22.38 16.02
N ASP A 370 -6.48 21.33 15.21
CA ASP A 370 -7.75 20.69 14.92
C ASP A 370 -8.37 20.11 16.22
N GLU A 371 -7.54 19.53 17.09
CA GLU A 371 -8.03 18.86 18.30
C GLU A 371 -8.61 19.88 19.27
N LYS A 372 -7.99 21.05 19.33
CA LYS A 372 -8.49 22.15 20.15
C LYS A 372 -9.89 22.57 19.71
N ALA A 373 -10.06 22.79 18.41
CA ALA A 373 -11.35 23.21 17.88
C ALA A 373 -12.44 22.18 18.15
N LEU A 374 -12.10 20.90 17.96
CA LEU A 374 -13.06 19.81 18.17
C LEU A 374 -13.50 19.71 19.63
N ARG A 375 -12.58 19.89 20.58
CA ARG A 375 -12.93 19.80 22.00
C ARG A 375 -13.80 20.99 22.41
N GLU A 376 -13.51 22.18 21.88
CA GLU A 376 -14.37 23.33 22.13
C GLU A 376 -15.80 23.08 21.64
N THR A 377 -15.92 22.48 20.46
CA THR A 377 -17.22 22.18 19.89
C THR A 377 -18.02 21.16 20.73
N VAL A 378 -17.38 20.12 21.28
CA VAL A 378 -18.17 19.13 22.04
C VAL A 378 -18.47 19.66 23.45
N ARG A 379 -17.62 20.54 23.97
CA ARG A 379 -17.91 21.22 25.24
C ARG A 379 -19.20 22.05 25.11
N LYS A 380 -19.34 22.75 23.99
CA LYS A 380 -20.54 23.56 23.75
C LYS A 380 -21.76 22.72 23.44
N LEU A 381 -21.59 21.42 23.28
CA LEU A 381 -22.74 20.54 23.07
C LEU A 381 -23.20 19.97 24.39
N GLY A 382 -22.41 20.22 25.44
CA GLY A 382 -22.83 19.89 26.78
C GLY A 382 -22.13 18.67 27.37
N VAL A 383 -21.06 18.22 26.71
CA VAL A 383 -20.26 17.16 27.30
C VAL A 383 -19.30 17.81 28.27
N ILE A 384 -19.40 17.44 29.54
CA ILE A 384 -18.67 18.15 30.58
C ILE A 384 -17.66 17.27 31.30
N ASP A 385 -18.13 16.10 31.69
CA ASP A 385 -17.27 15.11 32.33
C ASP A 385 -16.16 14.64 31.38
N SER A 386 -15.00 14.28 31.93
CA SER A 386 -13.91 13.77 31.12
C SER A 386 -12.96 12.89 31.96
N GLU A 387 -12.20 12.02 31.29
CA GLU A 387 -11.20 11.16 31.91
C GLU A 387 -10.11 10.75 30.90
N ARG A 388 -8.85 10.71 31.35
CA ARG A 388 -7.78 10.26 30.48
C ARG A 388 -7.98 8.78 30.10
N MET A 389 -7.55 8.40 28.89
CA MET A 389 -7.70 7.02 28.45
C MET A 389 -6.55 6.65 27.53
N ASP A 390 -5.85 5.56 27.84
CA ASP A 390 -4.78 5.03 26.98
C ASP A 390 -5.29 4.22 25.76
N PHE A 391 -5.71 4.93 24.72
CA PHE A 391 -6.31 4.29 23.54
C PHE A 391 -5.43 3.21 22.90
N GLU A 392 -4.10 3.37 22.98
CA GLU A 392 -3.20 2.45 22.28
C GLU A 392 -3.21 1.03 22.87
N LEU A 393 -3.75 0.87 24.08
CA LEU A 393 -3.86 -0.45 24.71
C LEU A 393 -5.07 -1.26 24.21
N LEU A 394 -6.05 -0.56 23.65
CA LEU A 394 -7.25 -1.23 23.14
C LEU A 394 -6.98 -1.85 21.77
N PRO A 395 -7.43 -3.11 21.58
CA PRO A 395 -7.46 -3.73 20.24
C PRO A 395 -8.17 -2.79 19.26
N ASP A 396 -7.71 -2.69 18.01
CA ASP A 396 -8.26 -1.71 17.07
C ASP A 396 -9.79 -1.80 16.90
N ASP A 397 -10.32 -3.01 16.87
CA ASP A 397 -11.75 -3.19 16.64
C ASP A 397 -12.55 -2.77 17.87
N GLU A 398 -11.85 -2.52 18.98
CA GLU A 398 -12.51 -1.99 20.17
C GLU A 398 -12.43 -0.46 20.28
N ARG A 399 -11.87 0.22 19.27
CA ARG A 399 -11.83 1.68 19.35
C ARG A 399 -12.12 2.39 18.02
N GLN A 400 -13.04 1.82 17.25
CA GLN A 400 -13.54 2.49 16.05
C GLN A 400 -14.82 3.27 16.31
N CYS A 401 -14.91 4.46 15.71
CA CYS A 401 -16.13 5.27 15.77
C CYS A 401 -17.31 4.52 15.18
N VAL A 402 -18.35 4.36 15.99
CA VAL A 402 -19.54 3.60 15.61
C VAL A 402 -20.14 4.09 14.28
N LYS A 403 -20.03 5.39 14.01
CA LYS A 403 -20.54 5.95 12.77
C LYS A 403 -19.57 5.85 11.59
N CYS A 404 -18.41 6.51 11.69
CA CYS A 404 -17.51 6.64 10.55
C CYS A 404 -16.41 5.58 10.52
N LYS A 405 -16.33 4.76 11.57
CA LYS A 405 -15.37 3.64 11.65
C LYS A 405 -13.88 4.05 11.78
N THR A 406 -13.59 5.34 11.97
CA THR A 406 -12.21 5.76 12.17
C THR A 406 -11.62 5.19 13.46
N THR A 407 -10.30 4.96 13.47
CA THR A 407 -9.64 4.44 14.66
C THR A 407 -9.31 5.58 15.62
N CYS A 408 -9.91 5.58 16.80
CA CYS A 408 -9.72 6.69 17.74
C CYS A 408 -8.38 6.62 18.47
N PHE A 409 -7.76 7.78 18.69
CA PHE A 409 -6.56 7.87 19.52
C PHE A 409 -6.47 9.17 20.33
N MET A 410 -6.67 10.32 19.70
CA MET A 410 -6.57 11.58 20.45
C MET A 410 -7.71 11.73 21.46
N SER A 411 -8.92 11.35 21.04
CA SER A 411 -10.14 11.48 21.87
C SER A 411 -11.37 10.75 21.30
N ALA A 412 -12.35 10.55 22.16
CA ALA A 412 -13.60 9.88 21.80
C ALA A 412 -14.66 10.20 22.85
N ILE A 413 -15.92 9.94 22.53
CA ILE A 413 -17.03 10.12 23.46
C ILE A 413 -17.64 8.77 23.83
N SER A 414 -17.80 8.51 25.12
CA SER A 414 -18.50 7.31 25.57
C SER A 414 -19.73 7.66 26.40
N CYS A 415 -20.52 6.64 26.69
CA CYS A 415 -21.69 6.78 27.54
C CYS A 415 -21.95 5.50 28.33
N SER A 416 -22.25 5.64 29.62
CA SER A 416 -22.58 4.51 30.50
C SER A 416 -23.74 3.67 29.96
N CYS A 417 -24.71 4.31 29.32
CA CYS A 417 -25.77 3.62 28.59
C CYS A 417 -25.34 2.54 27.59
N LYS A 418 -24.37 2.84 26.73
CA LYS A 418 -23.90 1.87 25.75
C LYS A 418 -22.45 1.49 26.00
N PRO A 419 -22.21 0.52 26.91
CA PRO A 419 -20.88 0.16 27.40
C PRO A 419 -19.98 -0.32 26.27
N GLY A 420 -18.74 0.18 26.23
CA GLY A 420 -17.81 -0.25 25.20
C GLY A 420 -17.90 0.45 23.85
N LEU A 421 -18.99 1.15 23.56
CA LEU A 421 -19.09 1.88 22.29
C LEU A 421 -18.44 3.27 22.36
N LEU A 422 -17.93 3.73 21.21
CA LEU A 422 -17.26 5.03 21.09
C LEU A 422 -17.68 5.73 19.81
N VAL A 423 -17.63 7.06 19.82
CA VAL A 423 -17.72 7.83 18.60
C VAL A 423 -16.58 8.83 18.59
N CYS A 424 -16.07 9.18 17.40
CA CYS A 424 -15.08 10.25 17.31
C CYS A 424 -15.80 11.57 17.60
N LEU A 425 -15.06 12.66 17.70
CA LEU A 425 -15.69 13.93 18.09
C LEU A 425 -16.50 14.59 16.95
N HIS A 426 -16.34 14.10 15.72
CA HIS A 426 -17.18 14.55 14.59
C HIS A 426 -18.59 13.95 14.66
N HIS A 427 -18.77 12.89 15.45
CA HIS A 427 -20.04 12.17 15.46
C HIS A 427 -20.66 11.98 16.84
N VAL A 428 -20.54 13.01 17.68
CA VAL A 428 -21.12 13.01 19.02
C VAL A 428 -22.64 12.73 19.06
N LYS A 429 -23.40 13.18 18.04
CA LYS A 429 -24.84 12.91 18.00
C LYS A 429 -25.24 11.47 17.64
N GLU A 430 -24.26 10.58 17.39
CA GLU A 430 -24.57 9.24 16.87
C GLU A 430 -24.32 8.11 17.83
N LEU A 431 -24.02 8.43 19.09
CA LEU A 431 -23.69 7.39 20.05
C LEU A 431 -24.97 6.74 20.62
N CYS A 432 -25.89 7.58 21.12
CA CYS A 432 -27.12 7.10 21.73
C CYS A 432 -28.11 8.26 21.94
N SER A 433 -29.20 7.98 22.65
CA SER A 433 -30.28 8.95 22.80
C SER A 433 -30.29 9.69 24.15
N CYS A 434 -29.33 9.40 25.03
CA CYS A 434 -29.22 10.09 26.32
C CYS A 434 -28.86 11.55 26.14
N PRO A 435 -29.19 12.40 27.13
CA PRO A 435 -28.71 13.78 27.09
C PRO A 435 -27.21 13.87 27.33
N PRO A 436 -26.55 14.81 26.66
CA PRO A 436 -25.08 15.01 26.65
C PRO A 436 -24.38 15.05 28.01
N TYR A 437 -25.06 15.40 29.10
CA TYR A 437 -24.37 15.43 30.39
C TYR A 437 -24.09 14.00 30.88
N LYS A 438 -24.75 13.02 30.28
CA LYS A 438 -24.45 11.61 30.57
C LYS A 438 -23.19 11.12 29.84
N TYR A 439 -22.67 11.91 28.89
CA TYR A 439 -21.52 11.48 28.09
C TYR A 439 -20.20 11.81 28.79
N LYS A 440 -19.13 11.19 28.33
CA LYS A 440 -17.82 11.45 28.89
C LYS A 440 -16.81 11.66 27.75
N LEU A 441 -16.01 12.72 27.83
CA LEU A 441 -14.91 12.88 26.90
C LEU A 441 -13.71 12.05 27.39
N ARG A 442 -13.32 11.03 26.61
CA ARG A 442 -12.13 10.24 26.90
C ARG A 442 -10.98 10.76 26.02
N TYR A 443 -9.84 11.09 26.63
CA TYR A 443 -8.73 11.73 25.89
C TYR A 443 -7.36 11.12 26.22
N ARG A 444 -6.46 11.11 25.24
CA ARG A 444 -5.12 10.56 25.48
C ARG A 444 -4.22 11.59 26.19
N TYR A 445 -4.30 12.84 25.74
CA TYR A 445 -3.42 13.90 26.21
C TYR A 445 -4.20 15.19 26.44
N THR A 446 -3.83 15.96 27.47
CA THR A 446 -4.32 17.33 27.60
C THR A 446 -3.50 18.18 26.64
N LEU A 447 -4.04 19.34 26.24
CA LEU A 447 -3.25 20.29 25.45
C LEU A 447 -1.90 20.65 26.10
N ASP A 448 -1.87 20.72 27.43
CA ASP A 448 -0.63 20.97 28.15
C ASP A 448 0.40 19.85 28.05
N ASP A 449 -0.02 18.60 27.81
CA ASP A 449 0.94 17.51 27.55
C ASP A 449 1.53 17.64 26.15
N LEU A 450 0.70 18.13 25.22
CA LEU A 450 1.02 18.08 23.81
C LEU A 450 2.06 19.13 23.39
N TYR A 451 1.98 20.34 23.94
CA TYR A 451 2.92 21.41 23.54
C TYR A 451 4.39 21.10 23.90
N PRO A 452 4.67 20.53 25.08
CA PRO A 452 6.05 20.08 25.27
C PRO A 452 6.53 18.98 24.32
N MET A 453 5.62 18.09 23.91
CA MET A 453 5.98 17.02 22.96
C MET A 453 6.38 17.66 21.62
N MET A 454 5.66 18.70 21.22
CA MET A 454 6.00 19.37 19.98
C MET A 454 7.31 20.18 20.11
N ASN A 455 7.56 20.75 21.28
N ASN A 455 7.54 20.71 21.30
CA ASN A 455 8.80 21.50 21.52
CA ASN A 455 8.73 21.49 21.60
C ASN A 455 10.04 20.63 21.46
C ASN A 455 10.01 20.66 21.52
N ALA A 456 9.92 19.38 21.89
CA ALA A 456 11.04 18.47 21.80
C ALA A 456 11.40 18.26 20.33
N LEU A 457 10.39 18.17 19.45
CA LEU A 457 10.66 18.02 18.02
C LEU A 457 11.38 19.27 17.47
N LYS A 458 10.92 20.46 17.86
CA LYS A 458 11.54 21.71 17.43
C LYS A 458 13.03 21.78 17.83
N LEU A 459 13.34 21.43 19.08
CA LEU A 459 14.73 21.40 19.53
C LEU A 459 15.58 20.40 18.75
N ARG A 460 15.05 19.20 18.51
CA ARG A 460 15.79 18.18 17.78
C ARG A 460 16.08 18.62 16.34
N ALA A 461 15.14 19.36 15.75
CA ALA A 461 15.32 19.93 14.43
C ALA A 461 16.16 21.22 14.45
N GLU A 462 16.64 21.61 15.64
CA GLU A 462 17.37 22.87 15.88
C GLU A 462 16.61 24.08 15.37
ZN ZN B . -16.69 9.28 13.63
ZN ZN C . -26.73 6.63 26.57
S DMS D . 2.55 -4.73 -1.09
O DMS D . 2.32 -5.47 -2.38
C1 DMS D . 0.94 -4.52 -0.27
C2 DMS D . 2.97 -3.03 -1.54
S DMS E . -6.48 -9.27 -7.70
O DMS E . -6.28 -7.81 -7.41
C1 DMS E . -7.70 -10.02 -6.59
C2 DMS E . -5.00 -10.19 -7.19
S DMS F . -10.12 5.03 -0.75
O DMS F . -9.23 6.24 -0.67
C1 DMS F . -9.21 3.57 -1.36
C2 DMS F . -11.34 5.22 -2.08
S DMS G . 2.26 6.44 22.33
O DMS G . 2.87 7.76 22.74
C1 DMS G . 1.58 6.60 20.66
C2 DMS G . 0.75 6.18 23.26
S DMS H . 2.13 -7.51 -7.73
O DMS H . 3.38 -8.07 -8.33
C1 DMS H . 0.71 -8.56 -8.18
C2 DMS H . 1.80 -5.92 -8.54
MN MN I . -0.21 -2.02 -5.32
C 7SI J . -5.88 10.60 -21.65
O 7SI J . -2.03 13.67 -20.88
C1 7SI J . -5.70 12.11 -21.39
O1 7SI J . -2.60 8.24 -21.64
C2 7SI J . -4.52 12.50 -22.32
C3 7SI J . -4.79 11.57 -23.52
C4 7SI J . -4.75 10.27 -22.67
C5 7SI J . -3.44 10.46 -21.95
C6 7SI J . -2.45 9.58 -21.51
C7 7SI J . -1.30 10.08 -20.89
C8 7SI J . -1.15 11.45 -20.69
C9 7SI J . -2.14 12.33 -21.11
C10 7SI J . -3.29 11.84 -21.75
C1 EDO K . 3.06 -17.12 -2.44
O1 EDO K . 3.57 -16.36 -3.55
C2 EDO K . 4.01 -16.95 -1.27
O2 EDO K . 3.59 -17.79 -0.19
C1 EDO L . -10.53 17.83 28.66
O1 EDO L . -9.80 18.35 27.55
C2 EDO L . -9.54 17.64 29.80
O2 EDO L . -8.24 17.80 29.24
C1 EDO M . -7.93 14.78 13.90
O1 EDO M . -6.63 14.17 13.83
C2 EDO M . -8.04 15.46 15.25
O2 EDO M . -6.75 16.02 15.58
C1 EDO N . -2.70 13.32 -4.08
O1 EDO N . -2.23 14.05 -5.22
C2 EDO N . -4.00 13.92 -3.57
O2 EDO N . -4.97 13.94 -4.64
C1 EDO O . -15.16 17.98 28.21
O1 EDO O . -16.02 18.72 27.32
C2 EDO O . -14.40 18.96 29.10
O2 EDO O . -15.31 19.59 30.00
C1 EDO P . -16.20 1.15 19.87
O1 EDO P . -17.18 1.73 18.99
C2 EDO P . -15.80 -0.30 19.52
O2 EDO P . -15.02 -0.36 18.31
C1 EDO Q . -8.30 11.34 16.40
O1 EDO Q . -7.11 10.59 16.76
C2 EDO Q . -9.61 10.71 16.93
O2 EDO Q . -9.44 9.89 18.11
C1 EDO R . -0.57 -12.41 -9.89
O1 EDO R . -1.87 -11.79 -9.88
C2 EDO R . -0.04 -12.18 -8.46
O2 EDO R . 1.18 -12.90 -8.23
CL CL S . -14.02 -13.21 -20.32
P PO4 T . -21.42 11.59 7.88
O1 PO4 T . -22.44 12.23 6.96
O2 PO4 T . -20.82 12.63 8.81
O3 PO4 T . -22.13 10.50 8.66
O4 PO4 T . -20.31 10.93 7.06
#